data_3KK4
#
_entry.id   3KK4
#
_cell.length_a   48.212
_cell.length_b   72.462
_cell.length_c   61.737
_cell.angle_alpha   90.00
_cell.angle_beta   112.05
_cell.angle_gamma   90.00
#
_symmetry.space_group_name_H-M   'P 1 21 1'
#
loop_
_entity.id
_entity.type
_entity.pdbx_description
1 polymer 'uncharacterized protein BP1543'
2 non-polymer 'ACETATE ION'
3 non-polymer GLYCEROL
4 water water
#
_entity_poly.entity_id   1
_entity_poly.type   'polypeptide(L)'
_entity_poly.pdbx_seq_one_letter_code
;SNA(MSE)(CME)EIFIRANQRSYSVQARSLRLHGVATSVRLEQLFWDVLEEIAARDG(MSE)RVTQLIERLYDELVQYR
GEAANFTSFLRVCCLRYQVLQAEGRIPADATVPIRSLDAQAVLRGLPANLYDSRPLG
;
_entity_poly.pdbx_strand_id   A,B,C,D
#
# COMPACT_ATOMS: atom_id res chain seq x y z
N SER A 1 -6.23 -20.35 15.13
CA SER A 1 -4.86 -20.91 15.40
C SER A 1 -3.80 -19.82 15.53
N ASN A 2 -4.24 -18.58 15.31
CA ASN A 2 -3.38 -17.41 15.51
C ASN A 2 -4.24 -16.16 15.77
N ALA A 3 -3.59 -15.02 16.00
CA ALA A 3 -4.32 -13.80 16.35
C ALA A 3 -5.21 -13.33 15.19
N GLU A 6 -8.28 -15.50 15.29
CA GLU A 6 -9.07 -15.09 16.46
C GLU A 6 -9.91 -13.84 16.15
N ILE A 7 -9.26 -12.83 15.57
CA ILE A 7 -9.91 -11.56 15.30
C ILE A 7 -11.05 -11.72 14.28
N PHE A 8 -10.78 -12.45 13.21
CA PHE A 8 -11.73 -12.55 12.07
C PHE A 8 -12.85 -13.57 12.26
N ILE A 9 -12.51 -14.72 12.82
CA ILE A 9 -13.50 -15.80 13.01
C ILE A 9 -14.54 -15.42 14.04
N ARG A 10 -14.13 -14.62 15.01
CA ARG A 10 -15.01 -14.22 16.09
C ARG A 10 -15.85 -12.99 15.78
N ALA A 11 -16.43 -12.95 14.59
CA ALA A 11 -17.50 -12.02 14.28
C ALA A 11 -18.76 -12.40 15.08
N ASN A 12 -19.58 -11.42 15.43
CA ASN A 12 -20.90 -11.70 15.98
C ASN A 12 -21.71 -12.44 14.89
N GLN A 13 -22.28 -13.61 15.22
CA GLN A 13 -22.93 -14.42 14.16
C GLN A 13 -24.07 -13.70 13.41
N ARG A 14 -24.89 -12.99 14.17
CA ARG A 14 -26.00 -12.23 13.59
C ARG A 14 -25.50 -11.10 12.68
N SER A 15 -24.29 -10.61 12.92
CA SER A 15 -23.76 -9.47 12.16
C SER A 15 -23.65 -9.77 10.68
N TYR A 16 -23.50 -11.06 10.34
CA TYR A 16 -23.43 -11.46 8.93
C TYR A 16 -24.64 -12.27 8.44
N SER A 17 -25.71 -12.29 9.24
CA SER A 17 -27.01 -12.76 8.75
C SER A 17 -27.65 -11.64 7.94
N VAL A 18 -28.41 -12.01 6.90
CA VAL A 18 -29.01 -11.00 6.01
C VAL A 18 -30.42 -10.65 6.46
N GLN A 19 -30.73 -9.37 6.53
N GLN A 19 -30.69 -9.34 6.55
CA GLN A 19 -32.05 -8.99 6.94
CA GLN A 19 -31.97 -8.80 6.97
C GLN A 19 -32.60 -7.99 5.92
C GLN A 19 -32.54 -8.05 5.78
N ALA A 20 -33.82 -8.24 5.48
CA ALA A 20 -34.45 -7.43 4.45
C ALA A 20 -35.19 -6.23 5.06
N ARG A 21 -35.06 -5.08 4.41
CA ARG A 21 -35.87 -3.91 4.75
C ARG A 21 -36.48 -3.33 3.47
N SER A 22 -37.65 -2.74 3.64
CA SER A 22 -38.36 -2.20 2.49
C SER A 22 -38.08 -0.71 2.36
N LEU A 23 -37.65 -0.30 1.17
CA LEU A 23 -37.23 1.09 0.91
C LEU A 23 -38.00 1.63 -0.30
N ARG A 24 -38.36 2.91 -0.26
N ARG A 24 -38.41 2.89 -0.25
CA ARG A 24 -39.12 3.55 -1.34
CA ARG A 24 -39.11 3.50 -1.38
C ARG A 24 -38.17 4.24 -2.32
C ARG A 24 -38.13 4.18 -2.29
N LEU A 25 -37.90 3.58 -3.44
CA LEU A 25 -36.86 4.06 -4.37
C LEU A 25 -37.53 4.61 -5.62
N HIS A 26 -37.45 5.93 -5.81
CA HIS A 26 -38.24 6.63 -6.85
C HIS A 26 -39.68 6.12 -6.84
N GLY A 27 -40.29 6.06 -5.66
CA GLY A 27 -41.71 5.73 -5.56
C GLY A 27 -42.05 4.26 -5.45
N VAL A 28 -41.05 3.39 -5.57
CA VAL A 28 -41.32 1.95 -5.56
C VAL A 28 -40.80 1.26 -4.31
N ALA A 29 -41.72 0.66 -3.55
CA ALA A 29 -41.32 -0.15 -2.40
C ALA A 29 -40.45 -1.32 -2.87
N THR A 30 -39.22 -1.38 -2.37
N THR A 30 -39.22 -1.38 -2.35
CA THR A 30 -38.24 -2.38 -2.77
CA THR A 30 -38.19 -2.34 -2.78
C THR A 30 -37.57 -3.01 -1.56
C THR A 30 -37.54 -3.00 -1.57
N SER A 31 -37.41 -4.33 -1.61
CA SER A 31 -36.76 -5.05 -0.51
C SER A 31 -35.25 -4.97 -0.70
N VAL A 32 -34.56 -4.30 0.22
CA VAL A 32 -33.12 -4.26 0.23
C VAL A 32 -32.62 -5.28 1.26
N ARG A 33 -31.73 -6.14 0.81
CA ARG A 33 -31.28 -7.29 1.60
C ARG A 33 -29.80 -7.10 1.93
N LEU A 34 -29.52 -6.77 3.19
CA LEU A 34 -28.15 -6.48 3.63
C LEU A 34 -27.83 -7.26 4.90
N GLU A 35 -26.57 -7.67 5.05
CA GLU A 35 -26.07 -8.22 6.31
C GLU A 35 -26.29 -7.20 7.42
N GLN A 36 -26.66 -7.68 8.61
CA GLN A 36 -26.99 -6.85 9.76
C GLN A 36 -25.94 -5.77 10.06
N LEU A 37 -24.65 -6.10 9.99
CA LEU A 37 -23.63 -5.08 10.28
C LEU A 37 -23.68 -3.90 9.31
N PHE A 38 -24.07 -4.14 8.05
CA PHE A 38 -24.25 -3.03 7.11
C PHE A 38 -25.41 -2.13 7.55
N TRP A 39 -26.53 -2.72 7.94
CA TRP A 39 -27.63 -1.92 8.47
C TRP A 39 -27.16 -1.09 9.66
N ASP A 40 -26.40 -1.72 10.56
CA ASP A 40 -25.85 -1.01 11.74
C ASP A 40 -24.98 0.17 11.33
N VAL A 41 -24.15 -0.03 10.30
CA VAL A 41 -23.25 1.04 9.86
C VAL A 41 -24.03 2.17 9.15
N LEU A 42 -25.00 1.81 8.31
CA LEU A 42 -25.88 2.80 7.66
C LEU A 42 -26.66 3.64 8.68
N GLU A 43 -27.09 3.00 9.76
CA GLU A 43 -27.79 3.72 10.81
C GLU A 43 -26.88 4.73 11.53
N GLU A 44 -25.62 4.36 11.76
CA GLU A 44 -24.64 5.29 12.34
C GLU A 44 -24.36 6.45 11.37
N ILE A 45 -24.23 6.15 10.08
CA ILE A 45 -23.95 7.21 9.10
C ILE A 45 -25.14 8.20 9.09
N ALA A 46 -26.36 7.66 9.04
CA ALA A 46 -27.55 8.52 9.03
C ALA A 46 -27.61 9.41 10.29
N ALA A 47 -27.33 8.81 11.46
CA ALA A 47 -27.34 9.50 12.75
C ALA A 47 -26.30 10.61 12.84
N ARG A 48 -25.12 10.40 12.24
CA ARG A 48 -24.08 11.45 12.23
C ARG A 48 -24.63 12.77 11.68
N ASP A 49 -25.56 12.67 10.73
CA ASP A 49 -26.10 13.86 10.08
C ASP A 49 -27.56 14.13 10.37
N GLY A 50 -28.05 13.54 11.46
CA GLY A 50 -29.39 13.80 11.95
C GLY A 50 -30.48 13.35 11.00
N ARG A 52 -32.90 10.06 9.34
N ARG A 52 -32.92 10.06 9.37
CA ARG A 52 -33.46 8.73 9.51
CA ARG A 52 -33.43 8.72 9.51
C ARG A 52 -32.83 7.88 8.41
C ARG A 52 -32.75 7.89 8.43
N VAL A 53 -32.47 6.63 8.71
CA VAL A 53 -31.80 5.75 7.75
C VAL A 53 -32.58 5.62 6.42
N THR A 54 -33.91 5.60 6.49
CA THR A 54 -34.67 5.45 5.26
C THR A 54 -34.48 6.67 4.34
N GLN A 55 -34.43 7.86 4.94
CA GLN A 55 -34.23 9.08 4.15
C GLN A 55 -32.82 9.15 3.57
N LEU A 56 -31.82 8.74 4.35
CA LEU A 56 -30.44 8.64 3.85
C LEU A 56 -30.39 7.79 2.57
N ILE A 57 -30.96 6.60 2.63
CA ILE A 57 -30.91 5.65 1.49
C ILE A 57 -31.67 6.22 0.29
N GLU A 58 -32.87 6.78 0.55
CA GLU A 58 -33.66 7.39 -0.53
C GLU A 58 -32.90 8.52 -1.23
N ARG A 59 -32.21 9.36 -0.44
CA ARG A 59 -31.42 10.48 -0.98
C ARG A 59 -30.21 9.96 -1.77
N LEU A 60 -29.56 8.93 -1.23
CA LEU A 60 -28.48 8.26 -1.96
C LEU A 60 -28.95 7.74 -3.30
N TYR A 61 -30.06 7.01 -3.30
CA TYR A 61 -30.64 6.53 -4.55
C TYR A 61 -30.87 7.66 -5.56
N ASP A 62 -31.51 8.75 -5.11
CA ASP A 62 -31.82 9.94 -5.93
C ASP A 62 -30.58 10.49 -6.60
N GLU A 63 -29.53 10.68 -5.80
CA GLU A 63 -28.28 11.26 -6.27
C GLU A 63 -27.45 10.32 -7.15
N LEU A 64 -27.54 9.02 -6.88
CA LEU A 64 -26.88 8.04 -7.73
C LEU A 64 -27.51 8.00 -9.11
N VAL A 65 -28.84 8.05 -9.16
CA VAL A 65 -29.53 8.16 -10.47
C VAL A 65 -29.07 9.39 -11.24
N GLN A 66 -29.00 10.54 -10.56
CA GLN A 66 -28.54 11.77 -11.21
C GLN A 66 -27.11 11.70 -11.73
N TYR A 67 -26.24 11.05 -10.96
CA TYR A 67 -24.81 10.99 -11.25
C TYR A 67 -24.48 10.02 -12.39
N ARG A 68 -25.08 8.83 -12.34
CA ARG A 68 -24.75 7.75 -13.27
C ARG A 68 -25.82 7.56 -14.35
N GLY A 69 -26.98 8.20 -14.18
CA GLY A 69 -28.14 8.02 -15.06
C GLY A 69 -29.12 6.94 -14.59
N GLU A 70 -28.62 6.01 -13.79
CA GLU A 70 -29.42 4.95 -13.20
C GLU A 70 -28.74 4.52 -11.91
N ALA A 71 -29.43 3.74 -11.09
CA ALA A 71 -28.84 3.26 -9.85
C ALA A 71 -28.74 1.72 -9.91
N ALA A 72 -27.93 1.25 -10.84
CA ALA A 72 -27.67 -0.19 -10.95
C ALA A 72 -26.88 -0.67 -9.73
N ASN A 73 -27.03 -1.96 -9.41
CA ASN A 73 -26.31 -2.60 -8.30
C ASN A 73 -26.44 -1.88 -6.97
N PHE A 74 -27.67 -1.45 -6.64
CA PHE A 74 -27.86 -0.52 -5.55
C PHE A 74 -27.53 -1.13 -4.19
N THR A 75 -27.91 -2.40 -4.00
CA THR A 75 -27.57 -3.08 -2.74
C THR A 75 -26.05 -3.24 -2.59
N SER A 76 -25.37 -3.63 -3.66
CA SER A 76 -23.90 -3.65 -3.64
C SER A 76 -23.30 -2.26 -3.35
N PHE A 77 -23.87 -1.23 -3.96
CA PHE A 77 -23.47 0.16 -3.70
C PHE A 77 -23.58 0.52 -2.21
N LEU A 78 -24.70 0.19 -1.59
CA LEU A 78 -24.86 0.42 -0.13
C LEU A 78 -23.78 -0.31 0.70
N ARG A 79 -23.49 -1.56 0.36
CA ARG A 79 -22.39 -2.25 1.07
C ARG A 79 -21.07 -1.51 0.93
N VAL A 80 -20.76 -1.06 -0.28
CA VAL A 80 -19.52 -0.34 -0.53
C VAL A 80 -19.55 1.04 0.15
N CYS A 81 -20.72 1.67 0.28
CA CYS A 81 -20.80 2.89 1.11
C CYS A 81 -20.30 2.64 2.52
N CYS A 82 -20.73 1.53 3.12
CA CYS A 82 -20.33 1.21 4.48
C CYS A 82 -18.85 0.93 4.57
N LEU A 83 -18.33 0.17 3.61
CA LEU A 83 -16.90 -0.17 3.62
C LEU A 83 -16.02 1.08 3.43
N ARG A 84 -16.37 1.93 2.46
CA ARG A 84 -15.63 3.17 2.22
C ARG A 84 -15.68 4.15 3.39
N TYR A 85 -16.82 4.22 4.08
CA TYR A 85 -16.95 5.03 5.29
C TYR A 85 -15.91 4.64 6.32
N GLN A 86 -15.77 3.32 6.52
CA GLN A 86 -14.81 2.79 7.47
C GLN A 86 -13.36 2.94 6.96
N VAL A 87 -13.12 2.67 5.67
CA VAL A 87 -11.79 2.92 5.07
C VAL A 87 -11.37 4.38 5.31
N LEU A 88 -12.27 5.30 5.02
CA LEU A 88 -11.96 6.73 5.19
C LEU A 88 -11.76 7.13 6.64
N GLN A 89 -12.50 6.52 7.57
CA GLN A 89 -12.20 6.73 8.99
C GLN A 89 -10.81 6.14 9.35
N ALA A 90 -10.48 4.96 8.82
CA ALA A 90 -9.16 4.33 9.09
C ALA A 90 -8.01 5.20 8.59
N GLU A 91 -8.23 5.83 7.44
CA GLU A 91 -7.26 6.70 6.79
C GLU A 91 -7.17 8.08 7.45
N GLY A 92 -8.09 8.37 8.36
CA GLY A 92 -8.12 9.66 9.06
C GLY A 92 -8.75 10.79 8.26
N ARG A 93 -9.41 10.45 7.15
CA ARG A 93 -10.03 11.43 6.24
C ARG A 93 -11.44 11.85 6.68
N ILE A 94 -12.14 10.91 7.33
CA ILE A 94 -13.40 11.21 8.02
C ILE A 94 -13.11 10.98 9.50
N PRO A 95 -13.41 11.98 10.36
CA PRO A 95 -13.14 11.80 11.79
C PRO A 95 -13.88 10.59 12.35
N ALA A 96 -13.17 9.74 13.09
CA ALA A 96 -13.79 8.55 13.65
C ALA A 96 -14.53 8.90 14.94
N ASP A 97 -15.53 9.75 14.79
CA ASP A 97 -16.28 10.35 15.88
C ASP A 97 -17.70 10.49 15.36
N ALA A 98 -18.61 9.70 15.91
CA ALA A 98 -19.95 9.58 15.35
C ALA A 98 -20.89 10.76 15.64
N THR A 99 -20.35 11.84 16.21
CA THR A 99 -21.15 13.04 16.45
C THR A 99 -20.85 14.18 15.45
N VAL A 100 -19.81 14.02 14.65
CA VAL A 100 -19.39 15.01 13.65
C VAL A 100 -20.09 14.72 12.32
N PRO A 101 -20.96 15.64 11.86
CA PRO A 101 -21.66 15.43 10.58
C PRO A 101 -20.71 15.23 9.41
N ILE A 102 -21.05 14.30 8.54
CA ILE A 102 -20.30 14.12 7.29
C ILE A 102 -20.47 15.40 6.45
N ARG A 103 -21.65 15.98 6.51
CA ARG A 103 -21.93 17.25 5.84
C ARG A 103 -21.06 18.41 6.35
N SER A 104 -20.40 18.22 7.49
CA SER A 104 -19.45 19.21 8.03
C SER A 104 -18.15 19.24 7.24
N LEU A 105 -17.86 18.17 6.52
CA LEU A 105 -16.55 17.96 5.93
C LEU A 105 -16.38 18.67 4.59
N ASP A 106 -15.12 18.78 4.18
CA ASP A 106 -14.76 19.27 2.87
C ASP A 106 -14.53 18.02 2.02
N ALA A 107 -15.52 17.66 1.21
CA ALA A 107 -15.46 16.44 0.42
C ALA A 107 -14.23 16.38 -0.50
N GLN A 108 -13.82 17.54 -1.02
CA GLN A 108 -12.62 17.57 -1.87
C GLN A 108 -11.40 17.10 -1.10
N ALA A 109 -11.26 17.55 0.15
CA ALA A 109 -10.18 17.12 1.03
C ALA A 109 -10.27 15.63 1.37
N VAL A 110 -11.50 15.17 1.59
CA VAL A 110 -11.74 13.76 1.92
C VAL A 110 -11.25 12.83 0.80
N LEU A 111 -11.53 13.20 -0.44
CA LEU A 111 -11.28 12.33 -1.60
C LEU A 111 -9.91 12.49 -2.26
N ARG A 112 -9.25 13.60 -1.97
CA ARG A 112 -8.00 14.03 -2.62
C ARG A 112 -6.87 13.01 -2.51
N GLY A 113 -6.40 12.51 -3.65
CA GLY A 113 -5.22 11.64 -3.67
C GLY A 113 -5.46 10.22 -3.17
N LEU A 114 -6.71 9.82 -3.11
CA LEU A 114 -7.04 8.47 -2.68
C LEU A 114 -6.62 7.40 -3.71
N PRO A 115 -6.51 6.13 -3.28
CA PRO A 115 -6.34 5.04 -4.25
C PRO A 115 -7.47 5.07 -5.29
N ALA A 116 -7.19 4.65 -6.52
CA ALA A 116 -8.18 4.79 -7.60
C ALA A 116 -9.41 3.88 -7.44
N ASN A 117 -9.28 2.82 -6.65
CA ASN A 117 -10.43 1.93 -6.40
C ASN A 117 -11.40 2.48 -5.34
N LEU A 118 -11.00 3.61 -4.75
CA LEU A 118 -11.77 4.22 -3.68
C LEU A 118 -12.66 5.40 -4.09
N TYR A 119 -12.46 5.94 -5.30
CA TYR A 119 -13.32 7.03 -5.78
C TYR A 119 -13.34 7.26 -7.29
N ASP A 120 -14.35 8.00 -7.73
N ASP A 120 -14.33 8.04 -7.73
CA ASP A 120 -14.46 8.54 -9.08
CA ASP A 120 -14.46 8.51 -9.10
C ASP A 120 -14.02 9.99 -9.06
C ASP A 120 -14.11 10.00 -9.12
N SER A 121 -13.28 10.40 -10.08
CA SER A 121 -12.77 11.76 -10.14
C SER A 121 -13.80 12.81 -10.58
N ARG A 122 -14.89 12.38 -11.23
CA ARG A 122 -15.90 13.35 -11.69
C ARG A 122 -16.73 13.88 -10.51
N PRO A 123 -16.71 15.20 -10.29
CA PRO A 123 -17.46 15.80 -9.16
C PRO A 123 -18.97 15.74 -9.40
N LEU A 124 -19.76 15.67 -8.32
CA LEU A 124 -21.20 15.73 -8.48
C LEU A 124 -21.63 17.05 -9.10
N GLY A 125 -22.83 17.11 -9.67
CA GLY A 125 -23.39 18.38 -10.14
C GLY A 125 -23.73 19.33 -8.98
N SER B 1 -25.43 16.76 -3.47
CA SER B 1 -25.82 18.15 -3.19
C SER B 1 -25.26 18.66 -1.86
N ASN B 2 -24.46 17.81 -1.21
CA ASN B 2 -23.74 18.17 0.02
C ASN B 2 -22.49 17.29 0.09
N ALA B 3 -21.65 17.50 1.11
CA ALA B 3 -20.41 16.72 1.25
C ALA B 3 -20.67 15.22 1.39
N GLU B 6 -21.47 13.80 -1.97
CA GLU B 6 -20.25 13.88 -2.76
C GLU B 6 -19.29 12.73 -2.43
N ILE B 7 -19.14 12.46 -1.14
CA ILE B 7 -18.23 11.43 -0.68
C ILE B 7 -18.76 10.04 -1.05
N PHE B 8 -20.06 9.81 -0.86
CA PHE B 8 -20.61 8.45 -1.01
C PHE B 8 -20.96 8.08 -2.44
N ILE B 9 -21.53 9.03 -3.17
CA ILE B 9 -21.92 8.80 -4.57
C ILE B 9 -20.69 8.60 -5.46
N ARG B 10 -19.60 9.26 -5.13
CA ARG B 10 -18.39 9.16 -5.95
C ARG B 10 -17.49 7.95 -5.61
N ALA B 11 -18.11 6.84 -5.27
CA ALA B 11 -17.41 5.55 -5.30
C ALA B 11 -16.95 5.24 -6.73
N ASN B 12 -15.83 4.54 -6.86
CA ASN B 12 -15.44 4.04 -8.15
C ASN B 12 -16.49 2.97 -8.53
N GLN B 13 -17.02 3.08 -9.74
CA GLN B 13 -18.14 2.24 -10.15
C GLN B 13 -17.84 0.75 -10.12
N ARG B 14 -16.65 0.39 -10.58
CA ARG B 14 -16.18 -1.00 -10.55
C ARG B 14 -16.07 -1.57 -9.12
N SER B 15 -15.79 -0.71 -8.14
CA SER B 15 -15.62 -1.19 -6.75
C SER B 15 -16.86 -1.90 -6.19
N TYR B 16 -18.04 -1.61 -6.76
CA TYR B 16 -19.26 -2.28 -6.34
C TYR B 16 -19.92 -3.18 -7.41
N SER B 17 -19.17 -3.49 -8.48
CA SER B 17 -19.53 -4.62 -9.34
C SER B 17 -19.14 -5.91 -8.61
N VAL B 18 -19.85 -6.99 -8.91
CA VAL B 18 -19.62 -8.27 -8.23
C VAL B 18 -18.82 -9.21 -9.12
N GLN B 19 -17.79 -9.82 -8.55
N GLN B 19 -17.75 -9.80 -8.58
CA GLN B 19 -16.98 -10.77 -9.30
CA GLN B 19 -16.97 -10.79 -9.31
C GLN B 19 -16.95 -12.13 -8.61
C GLN B 19 -16.96 -12.13 -8.61
N ALA B 20 -17.09 -13.19 -9.41
CA ALA B 20 -17.08 -14.56 -8.91
C ALA B 20 -15.66 -15.11 -8.97
N ARG B 21 -15.22 -15.76 -7.90
CA ARG B 21 -13.96 -16.48 -7.92
C ARG B 21 -14.17 -17.89 -7.40
N SER B 22 -13.39 -18.81 -7.91
CA SER B 22 -13.53 -20.21 -7.51
C SER B 22 -12.51 -20.53 -6.43
N LEU B 23 -12.96 -21.27 -5.42
CA LEU B 23 -12.08 -21.68 -4.33
C LEU B 23 -12.40 -23.12 -3.95
N ARG B 24 -11.41 -23.83 -3.45
CA ARG B 24 -11.62 -25.19 -3.01
C ARG B 24 -11.69 -25.12 -1.47
N LEU B 25 -12.86 -25.43 -0.91
CA LEU B 25 -13.09 -25.27 0.54
C LEU B 25 -13.40 -26.62 1.18
N HIS B 26 -12.54 -27.04 2.10
CA HIS B 26 -12.55 -28.42 2.58
C HIS B 26 -12.53 -29.38 1.40
N GLY B 27 -11.74 -29.05 0.39
CA GLY B 27 -11.58 -29.92 -0.77
C GLY B 27 -12.64 -29.78 -1.86
N VAL B 28 -13.70 -29.01 -1.62
CA VAL B 28 -14.78 -28.94 -2.63
C VAL B 28 -14.92 -27.57 -3.33
N ALA B 29 -15.09 -27.60 -4.65
CA ALA B 29 -15.27 -26.36 -5.44
C ALA B 29 -16.44 -25.55 -4.90
N THR B 30 -16.21 -24.24 -4.73
CA THR B 30 -17.17 -23.35 -4.12
C THR B 30 -17.14 -22.02 -4.87
N SER B 31 -18.24 -21.29 -4.79
CA SER B 31 -18.41 -20.02 -5.46
C SER B 31 -18.41 -18.97 -4.40
N VAL B 32 -17.59 -17.95 -4.60
CA VAL B 32 -17.66 -16.77 -3.77
C VAL B 32 -17.82 -15.60 -4.73
N ARG B 33 -18.97 -14.94 -4.65
CA ARG B 33 -19.27 -13.74 -5.43
C ARG B 33 -19.20 -12.51 -4.50
N LEU B 34 -18.19 -11.68 -4.70
CA LEU B 34 -18.02 -10.49 -3.89
C LEU B 34 -17.90 -9.24 -4.72
N GLU B 35 -18.42 -8.13 -4.19
CA GLU B 35 -18.09 -6.80 -4.69
C GLU B 35 -16.59 -6.63 -4.77
N GLN B 36 -16.13 -5.98 -5.83
CA GLN B 36 -14.69 -5.86 -6.06
C GLN B 36 -13.92 -5.24 -4.90
N LEU B 37 -14.47 -4.20 -4.28
CA LEU B 37 -13.76 -3.56 -3.18
C LEU B 37 -13.52 -4.53 -2.03
N PHE B 38 -14.47 -5.44 -1.80
CA PHE B 38 -14.28 -6.51 -0.80
C PHE B 38 -13.15 -7.47 -1.18
N TRP B 39 -13.08 -7.92 -2.44
CA TRP B 39 -11.89 -8.68 -2.91
C TRP B 39 -10.60 -7.86 -2.67
N ASP B 40 -10.65 -6.56 -2.96
CA ASP B 40 -9.47 -5.70 -2.78
C ASP B 40 -9.02 -5.68 -1.31
N VAL B 41 -9.99 -5.53 -0.40
CA VAL B 41 -9.68 -5.47 1.02
C VAL B 41 -9.18 -6.85 1.52
N LEU B 42 -9.80 -7.95 1.06
CA LEU B 42 -9.30 -9.28 1.42
C LEU B 42 -7.87 -9.52 0.93
N GLU B 43 -7.59 -9.04 -0.28
CA GLU B 43 -6.21 -9.08 -0.80
C GLU B 43 -5.23 -8.28 0.06
N GLU B 44 -5.64 -7.09 0.51
CA GLU B 44 -4.82 -6.32 1.44
C GLU B 44 -4.58 -7.08 2.75
N ILE B 45 -5.64 -7.65 3.32
CA ILE B 45 -5.52 -8.37 4.58
C ILE B 45 -4.51 -9.54 4.44
N ALA B 46 -4.67 -10.31 3.38
CA ALA B 46 -3.79 -11.45 3.07
C ALA B 46 -2.32 -11.03 2.93
N ALA B 47 -2.10 -9.97 2.14
CA ALA B 47 -0.75 -9.42 1.91
C ALA B 47 -0.08 -8.97 3.20
N ARG B 48 -0.86 -8.36 4.08
CA ARG B 48 -0.35 -7.92 5.38
C ARG B 48 0.37 -9.04 6.15
N ASP B 49 -0.11 -10.27 6.01
CA ASP B 49 0.50 -11.43 6.66
C ASP B 49 1.13 -12.41 5.67
N GLY B 50 1.58 -11.89 4.53
CA GLY B 50 2.33 -12.66 3.54
C GLY B 50 1.64 -13.87 2.93
N ARG B 52 -1.38 -15.47 0.07
CA ARG B 52 -2.24 -15.26 -1.10
C ARG B 52 -3.66 -15.19 -0.57
N VAL B 53 -4.48 -14.38 -1.22
CA VAL B 53 -5.89 -14.24 -0.83
C VAL B 53 -6.63 -15.58 -0.76
N THR B 54 -6.36 -16.51 -1.70
CA THR B 54 -7.08 -17.79 -1.67
C THR B 54 -6.70 -18.60 -0.44
N GLN B 55 -5.43 -18.55 -0.05
CA GLN B 55 -5.01 -19.26 1.13
C GLN B 55 -5.60 -18.65 2.40
N LEU B 56 -5.64 -17.33 2.48
CA LEU B 56 -6.33 -16.65 3.60
C LEU B 56 -7.77 -17.14 3.71
N ILE B 57 -8.48 -17.17 2.58
CA ILE B 57 -9.89 -17.57 2.59
C ILE B 57 -10.07 -19.05 2.97
N GLU B 58 -9.24 -19.94 2.41
CA GLU B 58 -9.31 -21.36 2.77
C GLU B 58 -9.08 -21.57 4.27
N ARG B 59 -8.10 -20.86 4.83
CA ARG B 59 -7.82 -20.94 6.26
C ARG B 59 -8.96 -20.40 7.12
N LEU B 60 -9.55 -19.30 6.70
CA LEU B 60 -10.75 -18.76 7.38
C LEU B 60 -11.90 -19.75 7.37
N TYR B 61 -12.15 -20.37 6.20
CA TYR B 61 -13.16 -21.42 6.08
C TYR B 61 -12.91 -22.56 7.08
N ASP B 62 -11.70 -23.10 7.06
CA ASP B 62 -11.29 -24.19 7.95
C ASP B 62 -11.61 -23.84 9.41
N GLU B 63 -11.17 -22.65 9.84
CA GLU B 63 -11.37 -22.20 11.22
C GLU B 63 -12.83 -21.87 11.56
N LEU B 64 -13.56 -21.35 10.58
CA LEU B 64 -14.97 -21.04 10.83
C LEU B 64 -15.75 -22.35 11.04
N VAL B 65 -15.51 -23.36 10.20
CA VAL B 65 -16.09 -24.70 10.41
C VAL B 65 -15.80 -25.23 11.81
N GLN B 66 -14.55 -25.10 12.28
CA GLN B 66 -14.24 -25.58 13.63
C GLN B 66 -14.94 -24.79 14.72
N TYR B 67 -15.00 -23.47 14.54
CA TYR B 67 -15.65 -22.59 15.54
C TYR B 67 -17.16 -22.78 15.60
N ARG B 68 -17.81 -22.85 14.45
CA ARG B 68 -19.27 -22.91 14.45
C ARG B 68 -19.87 -24.27 14.09
N GLY B 69 -19.02 -25.22 13.68
CA GLY B 69 -19.50 -26.55 13.28
C GLY B 69 -19.72 -26.70 11.79
N GLU B 70 -19.93 -25.56 11.13
CA GLU B 70 -20.15 -25.48 9.68
C GLU B 70 -19.83 -24.04 9.28
N ALA B 71 -19.73 -23.77 7.99
CA ALA B 71 -19.43 -22.40 7.59
C ALA B 71 -20.61 -21.83 6.79
N ALA B 72 -21.72 -21.58 7.48
CA ALA B 72 -22.94 -21.04 6.87
C ALA B 72 -22.72 -19.57 6.49
N ASN B 73 -23.43 -19.10 5.46
CA ASN B 73 -23.34 -17.71 4.99
C ASN B 73 -21.92 -17.25 4.86
N PHE B 74 -21.10 -18.06 4.20
CA PHE B 74 -19.66 -17.81 4.13
C PHE B 74 -19.33 -16.52 3.35
N THR B 75 -20.06 -16.24 2.27
CA THR B 75 -19.80 -15.02 1.49
C THR B 75 -20.11 -13.78 2.33
N SER B 76 -21.24 -13.82 3.04
CA SER B 76 -21.62 -12.73 3.94
C SER B 76 -20.54 -12.55 5.03
N PHE B 77 -20.05 -13.67 5.55
CA PHE B 77 -18.97 -13.64 6.54
C PHE B 77 -17.70 -12.92 6.02
N LEU B 78 -17.30 -13.22 4.78
CA LEU B 78 -16.16 -12.51 4.16
C LEU B 78 -16.39 -10.99 4.05
N ARG B 79 -17.61 -10.59 3.68
CA ARG B 79 -17.97 -9.18 3.62
C ARG B 79 -17.76 -8.52 4.98
N VAL B 80 -18.26 -9.20 6.01
CA VAL B 80 -18.16 -8.71 7.37
C VAL B 80 -16.69 -8.74 7.88
N CYS B 81 -15.90 -9.71 7.43
CA CYS B 81 -14.43 -9.65 7.67
C CYS B 81 -13.84 -8.33 7.17
N CYS B 82 -14.19 -7.91 5.96
CA CYS B 82 -13.64 -6.65 5.42
C CYS B 82 -14.10 -5.46 6.24
N LEU B 83 -15.38 -5.43 6.56
CA LEU B 83 -15.95 -4.28 7.26
C LEU B 83 -15.35 -4.18 8.66
N ARG B 84 -15.21 -5.33 9.35
CA ARG B 84 -14.67 -5.34 10.71
C ARG B 84 -13.18 -4.96 10.75
N TYR B 85 -12.43 -5.47 9.79
CA TYR B 85 -11.04 -5.04 9.61
C TYR B 85 -10.92 -3.52 9.59
N GLN B 86 -11.73 -2.84 8.78
CA GLN B 86 -11.70 -1.39 8.67
C GLN B 86 -12.23 -0.68 9.93
N VAL B 87 -13.29 -1.23 10.54
CA VAL B 87 -13.78 -0.66 11.81
C VAL B 87 -12.66 -0.68 12.86
N LEU B 88 -11.98 -1.83 12.96
CA LEU B 88 -10.90 -2.01 13.93
C LEU B 88 -9.73 -1.06 13.67
N GLN B 89 -9.38 -0.87 12.41
CA GLN B 89 -8.38 0.13 12.03
C GLN B 89 -8.86 1.55 12.39
N ALA B 90 -10.12 1.87 12.06
CA ALA B 90 -10.70 3.19 12.39
C ALA B 90 -10.71 3.49 13.88
N GLU B 91 -10.88 2.45 14.70
N GLU B 91 -10.87 2.45 14.69
CA GLU B 91 -10.85 2.57 16.14
CA GLU B 91 -10.85 2.57 16.14
C GLU B 91 -9.43 2.47 16.71
C GLU B 91 -9.43 2.46 16.71
N GLY B 92 -8.46 2.19 15.83
CA GLY B 92 -7.06 2.08 16.23
C GLY B 92 -6.77 0.83 17.05
N ARG B 93 -7.59 -0.20 16.87
CA ARG B 93 -7.37 -1.48 17.57
C ARG B 93 -6.41 -2.37 16.78
N ILE B 94 -6.48 -2.24 15.46
CA ILE B 94 -5.51 -2.83 14.55
C ILE B 94 -4.76 -1.61 13.98
N PRO B 95 -3.41 -1.61 14.01
CA PRO B 95 -2.69 -0.46 13.44
C PRO B 95 -3.00 -0.29 11.95
N ALA B 96 -3.30 0.94 11.55
CA ALA B 96 -3.66 1.21 10.17
C ALA B 96 -2.41 1.30 9.31
N ASP B 97 -1.63 0.22 9.28
CA ASP B 97 -0.31 0.19 8.66
C ASP B 97 -0.02 -1.21 8.14
N ALA B 98 0.36 -1.30 6.87
CA ALA B 98 0.55 -2.60 6.19
C ALA B 98 1.71 -3.45 6.73
N THR B 99 2.71 -2.84 7.36
CA THR B 99 3.90 -3.59 7.79
C THR B 99 3.72 -4.41 9.06
N VAL B 100 2.66 -4.14 9.82
CA VAL B 100 2.40 -4.88 11.04
C VAL B 100 1.47 -6.05 10.74
N PRO B 101 2.00 -7.27 10.79
CA PRO B 101 1.14 -8.42 10.52
C PRO B 101 0.07 -8.58 11.60
N ILE B 102 -1.15 -8.95 11.21
CA ILE B 102 -2.23 -9.13 12.16
C ILE B 102 -1.87 -10.25 13.15
N ARG B 103 -1.11 -11.23 12.66
CA ARG B 103 -0.69 -12.34 13.51
C ARG B 103 0.24 -11.93 14.64
N SER B 104 0.80 -10.72 14.57
CA SER B 104 1.67 -10.19 15.63
C SER B 104 0.91 -9.50 16.78
N LEU B 105 -0.39 -9.30 16.59
CA LEU B 105 -1.23 -8.60 17.56
C LEU B 105 -1.76 -9.50 18.69
N ASP B 106 -2.23 -8.85 19.75
CA ASP B 106 -2.86 -9.55 20.86
C ASP B 106 -4.35 -9.45 20.63
N ALA B 107 -4.96 -10.56 20.21
CA ALA B 107 -6.38 -10.57 19.81
C ALA B 107 -7.31 -10.19 20.95
N GLN B 108 -6.99 -10.58 22.18
N GLN B 108 -6.94 -10.60 22.16
CA GLN B 108 -7.86 -10.20 23.30
CA GLN B 108 -7.65 -10.27 23.38
C GLN B 108 -7.79 -8.68 23.51
C GLN B 108 -7.75 -8.75 23.51
N ALA B 109 -6.62 -8.09 23.29
CA ALA B 109 -6.49 -6.61 23.32
C ALA B 109 -7.23 -5.92 22.18
N VAL B 110 -7.18 -6.52 20.98
CA VAL B 110 -7.82 -5.98 19.80
C VAL B 110 -9.35 -5.98 19.95
N LEU B 111 -9.88 -7.04 20.58
CA LEU B 111 -11.32 -7.24 20.68
C LEU B 111 -11.96 -6.72 21.97
N ARG B 112 -11.15 -6.50 23.02
CA ARG B 112 -11.70 -6.19 24.35
C ARG B 112 -12.47 -4.88 24.36
N GLY B 113 -13.67 -4.93 24.91
CA GLY B 113 -14.46 -3.73 25.10
C GLY B 113 -15.19 -3.26 23.87
N LEU B 114 -15.13 -4.04 22.79
CA LEU B 114 -15.92 -3.73 21.59
C LEU B 114 -17.42 -3.87 21.87
N PRO B 115 -18.24 -3.10 21.14
CA PRO B 115 -19.69 -3.30 21.15
C PRO B 115 -20.02 -4.75 20.77
N ALA B 116 -21.14 -5.26 21.26
CA ALA B 116 -21.44 -6.68 21.11
C ALA B 116 -21.73 -7.12 19.66
N ASN B 117 -22.10 -6.18 18.79
CA ASN B 117 -22.38 -6.50 17.40
C ASN B 117 -21.10 -6.65 16.58
N LEU B 118 -19.96 -6.32 17.19
CA LEU B 118 -18.68 -6.34 16.49
C LEU B 118 -17.82 -7.56 16.77
N TYR B 119 -18.27 -8.42 17.69
CA TYR B 119 -17.54 -9.65 17.98
C TYR B 119 -18.31 -10.68 18.79
N ASP B 120 -17.82 -11.92 18.78
CA ASP B 120 -18.39 -13.00 19.55
C ASP B 120 -17.48 -13.20 20.75
N SER B 121 -18.04 -13.22 21.97
CA SER B 121 -17.16 -13.28 23.14
C SER B 121 -16.50 -14.65 23.34
N ARG B 122 -16.99 -15.68 22.66
CA ARG B 122 -16.42 -17.01 22.82
C ARG B 122 -15.07 -17.08 22.10
N PRO B 123 -13.99 -17.38 22.84
CA PRO B 123 -12.65 -17.49 22.24
C PRO B 123 -12.53 -18.70 21.30
N LEU B 124 -11.58 -18.65 20.36
CA LEU B 124 -11.28 -19.81 19.50
C LEU B 124 -10.61 -20.88 20.32
N GLY B 125 -10.76 -22.14 19.91
CA GLY B 125 -9.95 -23.20 20.54
C GLY B 125 -8.44 -23.08 20.24
N SER C 1 28.70 -14.33 6.26
CA SER C 1 30.11 -14.84 6.10
C SER C 1 31.15 -13.74 6.34
N ASN C 2 30.71 -12.49 6.20
CA ASN C 2 31.58 -11.31 6.36
C ASN C 2 30.72 -10.09 6.61
N ALA C 3 31.35 -8.92 6.85
CA ALA C 3 30.60 -7.71 7.22
C ALA C 3 29.73 -7.22 6.06
N GLU C 6 26.70 -9.34 6.15
CA GLU C 6 25.90 -8.97 7.33
C GLU C 6 25.09 -7.73 7.00
N ILE C 7 25.76 -6.74 6.44
CA ILE C 7 25.12 -5.46 6.17
C ILE C 7 23.99 -5.65 5.13
N PHE C 8 24.27 -6.37 4.06
CA PHE C 8 23.33 -6.43 2.94
C PHE C 8 22.24 -7.47 3.11
N ILE C 9 22.58 -8.63 3.69
CA ILE C 9 21.59 -9.71 3.84
C ILE C 9 20.52 -9.37 4.88
N ARG C 10 20.94 -8.59 5.88
CA ARG C 10 20.07 -8.22 6.98
C ARG C 10 19.23 -6.98 6.70
N ALA C 11 18.66 -6.90 5.50
CA ALA C 11 17.58 -5.94 5.23
C ALA C 11 16.34 -6.37 6.04
N ASN C 12 15.48 -5.41 6.41
CA ASN C 12 14.14 -5.73 6.88
C ASN C 12 13.43 -6.52 5.75
N GLN C 13 12.81 -7.64 6.08
CA GLN C 13 12.32 -8.53 5.04
C GLN C 13 11.22 -7.89 4.22
N ARG C 14 10.25 -7.27 4.88
CA ARG C 14 9.18 -6.59 4.15
C ARG C 14 9.67 -5.39 3.30
N SER C 15 10.86 -4.86 3.62
CA SER C 15 11.34 -3.66 2.91
C SER C 15 11.55 -3.90 1.41
N TYR C 16 11.82 -5.15 1.04
CA TYR C 16 11.93 -5.48 -0.38
C TYR C 16 10.76 -6.31 -0.95
N SER C 17 9.66 -6.40 -0.20
CA SER C 17 8.41 -6.87 -0.80
C SER C 17 7.77 -5.71 -1.57
N VAL C 18 7.12 -6.04 -2.68
CA VAL C 18 6.53 -5.04 -3.56
C VAL C 18 5.11 -4.74 -3.09
N GLN C 19 4.77 -3.46 -2.98
CA GLN C 19 3.45 -3.08 -2.53
C GLN C 19 2.79 -2.25 -3.65
N ALA C 20 1.71 -2.77 -4.18
CA ALA C 20 1.03 -2.14 -5.29
C ALA C 20 0.16 -1.02 -4.73
N ARG C 21 0.36 0.20 -5.20
CA ARG C 21 -0.61 1.25 -4.86
C ARG C 21 -1.19 1.83 -6.14
N SER C 22 -2.30 2.56 -6.03
CA SER C 22 -2.85 3.26 -7.17
C SER C 22 -3.19 4.70 -6.80
N LEU C 23 -3.35 5.54 -7.82
CA LEU C 23 -3.84 6.90 -7.65
C LEU C 23 -4.39 7.37 -8.98
N ARG C 24 -5.18 8.44 -8.97
CA ARG C 24 -5.67 9.01 -10.22
C ARG C 24 -4.79 10.17 -10.66
N LEU C 25 -4.33 10.10 -11.91
CA LEU C 25 -3.61 11.21 -12.55
C LEU C 25 -4.53 11.78 -13.64
N HIS C 26 -4.83 13.08 -13.57
CA HIS C 26 -5.84 13.66 -14.47
C HIS C 26 -7.16 12.85 -14.42
N GLY C 27 -7.46 12.24 -13.28
CA GLY C 27 -8.64 11.39 -13.16
C GLY C 27 -8.45 9.94 -13.65
N VAL C 28 -7.27 9.64 -14.16
CA VAL C 28 -7.00 8.34 -14.80
C VAL C 28 -6.27 7.41 -13.84
N ALA C 29 -6.86 6.23 -13.62
CA ALA C 29 -6.29 5.26 -12.66
C ALA C 29 -4.90 4.86 -13.12
N THR C 30 -3.95 4.90 -12.18
CA THR C 30 -2.55 4.60 -12.45
C THR C 30 -2.02 3.69 -11.35
N SER C 31 -1.37 2.60 -11.77
CA SER C 31 -0.80 1.62 -10.85
C SER C 31 0.71 1.84 -10.68
N VAL C 32 1.16 1.89 -9.43
CA VAL C 32 2.58 1.99 -9.09
C VAL C 32 2.93 0.83 -8.17
N ARG C 33 3.77 -0.09 -8.65
N ARG C 33 3.77 -0.08 -8.64
CA ARG C 33 4.25 -1.20 -7.83
CA ARG C 33 4.21 -1.21 -7.81
C ARG C 33 5.66 -0.89 -7.40
C ARG C 33 5.66 -0.98 -7.38
N LEU C 34 5.83 -0.53 -6.14
CA LEU C 34 7.17 -0.25 -5.59
C LEU C 34 7.47 -1.13 -4.38
N GLU C 35 8.74 -1.51 -4.24
CA GLU C 35 9.24 -2.11 -3.00
C GLU C 35 8.95 -1.19 -1.81
N GLN C 36 8.60 -1.76 -0.65
CA GLN C 36 8.23 -0.97 0.52
C GLN C 36 9.25 0.13 0.87
N LEU C 37 10.54 -0.20 0.85
CA LEU C 37 11.55 0.81 1.24
C LEU C 37 11.53 2.03 0.29
N PHE C 38 11.21 1.79 -0.98
CA PHE C 38 11.08 2.88 -1.95
C PHE C 38 9.86 3.75 -1.62
N TRP C 39 8.76 3.12 -1.21
CA TRP C 39 7.63 3.89 -0.69
C TRP C 39 8.06 4.77 0.50
N ASP C 40 8.83 4.19 1.42
CA ASP C 40 9.29 4.94 2.61
C ASP C 40 10.16 6.15 2.21
N VAL C 41 11.06 5.94 1.28
CA VAL C 41 11.92 7.03 0.78
C VAL C 41 11.13 8.12 0.04
N LEU C 42 10.19 7.71 -0.81
CA LEU C 42 9.34 8.67 -1.53
C LEU C 42 8.55 9.54 -0.56
N GLU C 43 8.07 8.89 0.50
CA GLU C 43 7.30 9.57 1.53
C GLU C 43 8.16 10.61 2.27
N GLU C 44 9.43 10.26 2.53
CA GLU C 44 10.37 11.22 3.10
C GLU C 44 10.64 12.36 2.15
N ILE C 45 10.85 12.07 0.86
CA ILE C 45 11.12 13.15 -0.12
C ILE C 45 9.93 14.13 -0.14
N ALA C 46 8.72 13.58 -0.22
CA ALA C 46 7.50 14.35 -0.19
C ALA C 46 7.40 15.23 1.06
N ALA C 47 7.62 14.62 2.22
CA ALA C 47 7.56 15.30 3.51
C ALA C 47 8.57 16.45 3.64
N ARG C 48 9.75 16.29 3.05
CA ARG C 48 10.75 17.35 3.05
C ARG C 48 10.21 18.66 2.52
N ASP C 49 9.29 18.57 1.56
CA ASP C 49 8.70 19.77 0.97
C ASP C 49 7.22 19.93 1.30
N GLY C 50 6.80 19.29 2.38
CA GLY C 50 5.43 19.44 2.88
C GLY C 50 4.34 19.03 1.90
N ARG C 52 1.97 15.80 0.13
CA ARG C 52 1.52 14.39 0.20
C ARG C 52 2.26 13.62 -0.89
N VAL C 53 2.59 12.37 -0.64
CA VAL C 53 3.34 11.57 -1.60
C VAL C 53 2.59 11.43 -2.92
N THR C 54 1.26 11.41 -2.87
CA THR C 54 0.48 11.26 -4.10
C THR C 54 0.60 12.52 -4.97
N GLN C 55 0.66 13.70 -4.33
CA GLN C 55 0.85 14.94 -5.07
C GLN C 55 2.26 15.05 -5.62
N LEU C 56 3.25 14.58 -4.87
CA LEU C 56 4.61 14.52 -5.40
C LEU C 56 4.63 13.67 -6.68
N ILE C 57 3.98 12.51 -6.63
CA ILE C 57 3.94 11.61 -7.78
C ILE C 57 3.22 12.26 -8.96
N GLU C 58 2.07 12.90 -8.69
N GLU C 58 2.09 12.92 -8.72
CA GLU C 58 1.31 13.62 -9.69
CA GLU C 58 1.36 13.56 -9.82
C GLU C 58 2.20 14.64 -10.41
C GLU C 58 2.12 14.74 -10.42
N ARG C 59 2.90 15.46 -9.61
CA ARG C 59 3.73 16.54 -10.14
C ARG C 59 4.91 16.02 -10.95
N LEU C 60 5.55 14.94 -10.48
CA LEU C 60 6.66 14.32 -11.22
C LEU C 60 6.21 13.78 -12.56
N TYR C 61 5.10 13.07 -12.55
CA TYR C 61 4.46 12.63 -13.79
C TYR C 61 4.25 13.78 -14.82
N ASP C 62 3.61 14.86 -14.40
CA ASP C 62 3.34 16.01 -15.28
C ASP C 62 4.63 16.61 -15.82
N GLU C 63 5.62 16.77 -14.95
CA GLU C 63 6.90 17.36 -15.38
C GLU C 63 7.73 16.44 -16.30
N LEU C 64 7.63 15.14 -16.07
CA LEU C 64 8.25 14.17 -16.93
C LEU C 64 7.64 14.18 -18.31
N VAL C 65 6.30 14.19 -18.38
CA VAL C 65 5.59 14.30 -19.66
C VAL C 65 6.07 15.53 -20.43
N GLN C 66 6.20 16.67 -19.74
N GLN C 66 6.19 16.67 -19.76
CA GLN C 66 6.63 17.92 -20.37
CA GLN C 66 6.62 17.89 -20.43
C GLN C 66 8.07 17.86 -20.90
C GLN C 66 8.06 17.82 -20.94
N TYR C 67 8.93 17.19 -20.16
CA TYR C 67 10.36 17.13 -20.46
C TYR C 67 10.68 16.11 -21.54
N ARG C 68 10.05 14.94 -21.47
CA ARG C 68 10.38 13.82 -22.34
C ARG C 68 9.32 13.58 -23.41
N GLY C 69 8.16 14.21 -23.26
CA GLY C 69 7.03 14.04 -24.21
C GLY C 69 6.02 13.01 -23.76
N GLU C 70 6.46 12.08 -22.89
CA GLU C 70 5.63 11.01 -22.34
C GLU C 70 6.29 10.60 -21.02
N ALA C 71 5.57 9.81 -20.21
CA ALA C 71 6.15 9.34 -18.96
C ALA C 71 6.36 7.81 -19.05
N ALA C 72 7.25 7.41 -19.97
CA ALA C 72 7.60 6.00 -20.14
C ALA C 72 8.33 5.49 -18.89
N ASN C 73 8.18 4.21 -18.59
CA ASN C 73 8.92 3.56 -17.51
C ASN C 73 8.74 4.28 -16.17
N PHE C 74 7.51 4.64 -15.87
CA PHE C 74 7.25 5.58 -14.77
C PHE C 74 7.61 5.01 -13.40
N THR C 75 7.26 3.74 -13.15
CA THR C 75 7.65 3.09 -11.92
C THR C 75 9.18 2.97 -11.75
N SER C 76 9.88 2.59 -12.83
CA SER C 76 11.35 2.58 -12.81
C SER C 76 11.93 3.96 -12.53
N PHE C 77 11.31 4.98 -13.14
CA PHE C 77 11.72 6.36 -12.88
C PHE C 77 11.59 6.71 -11.38
N LEU C 78 10.50 6.34 -10.73
CA LEU C 78 10.33 6.59 -9.29
C LEU C 78 11.38 5.86 -8.45
N ARG C 79 11.70 4.62 -8.80
CA ARG C 79 12.78 3.92 -8.11
C ARG C 79 14.10 4.68 -8.21
N VAL C 80 14.43 5.14 -9.40
CA VAL C 80 15.65 5.92 -9.61
C VAL C 80 15.59 7.31 -8.93
N CYS C 81 14.39 7.92 -8.83
CA CYS C 81 14.24 9.11 -7.95
C CYS C 81 14.72 8.82 -6.54
N CYS C 82 14.25 7.73 -5.94
CA CYS C 82 14.66 7.32 -4.60
C CYS C 82 16.16 7.08 -4.51
N LEU C 83 16.71 6.31 -5.46
CA LEU C 83 18.12 5.98 -5.47
C LEU C 83 18.97 7.24 -5.66
N ARG C 84 18.59 8.08 -6.63
CA ARG C 84 19.34 9.32 -6.90
C ARG C 84 19.33 10.27 -5.71
N TYR C 85 18.19 10.35 -5.02
CA TYR C 85 18.04 11.15 -3.79
C TYR C 85 19.08 10.78 -2.76
N GLN C 86 19.23 9.46 -2.54
CA GLN C 86 20.22 8.93 -1.56
C GLN C 86 21.66 9.10 -2.04
N VAL C 87 21.92 8.88 -3.33
CA VAL C 87 23.25 9.18 -3.88
C VAL C 87 23.65 10.64 -3.66
N LEU C 88 22.72 11.55 -3.97
CA LEU C 88 22.98 12.97 -3.82
C LEU C 88 23.21 13.36 -2.35
N GLN C 89 22.47 12.76 -1.43
CA GLN C 89 22.73 12.98 0.00
C GLN C 89 24.08 12.41 0.43
N ALA C 90 24.42 11.21 -0.06
CA ALA C 90 25.70 10.56 0.28
C ALA C 90 26.84 11.39 -0.22
N GLU C 91 26.67 12.05 -1.37
CA GLU C 91 27.73 12.89 -1.92
C GLU C 91 27.74 14.31 -1.33
N GLY C 92 26.78 14.60 -0.45
CA GLY C 92 26.72 15.90 0.20
C GLY C 92 26.12 17.00 -0.63
N ARG C 93 25.44 16.65 -1.73
CA ARG C 93 24.87 17.62 -2.65
C ARG C 93 23.47 18.07 -2.25
N ILE C 94 22.76 17.18 -1.56
CA ILE C 94 21.49 17.49 -0.90
C ILE C 94 21.77 17.28 0.57
N PRO C 95 21.47 18.28 1.42
CA PRO C 95 21.69 18.08 2.85
C PRO C 95 20.94 16.84 3.32
N ALA C 96 21.65 15.98 4.05
CA ALA C 96 21.03 14.78 4.60
C ALA C 96 20.26 15.19 5.86
N ASP C 97 19.18 15.92 5.64
CA ASP C 97 18.43 16.57 6.70
C ASP C 97 17.01 16.65 6.18
N ALA C 98 16.13 15.79 6.71
CA ALA C 98 14.73 15.72 6.27
C ALA C 98 13.91 17.00 6.48
N THR C 99 14.52 18.04 7.06
CA THR C 99 13.82 19.32 7.26
C THR C 99 14.06 20.37 6.18
N VAL C 100 15.19 20.26 5.45
CA VAL C 100 15.55 21.24 4.41
C VAL C 100 14.83 20.89 3.10
N PRO C 101 13.93 21.78 2.66
CA PRO C 101 13.15 21.47 1.46
C PRO C 101 14.07 21.42 0.26
N ILE C 102 13.83 20.44 -0.60
N ILE C 102 13.84 20.44 -0.60
CA ILE C 102 14.54 20.31 -1.87
CA ILE C 102 14.62 20.36 -1.84
C ILE C 102 14.34 21.58 -2.70
C ILE C 102 14.33 21.56 -2.74
N ARG C 103 13.13 22.14 -2.62
CA ARG C 103 12.79 23.37 -3.35
C ARG C 103 13.59 24.60 -2.91
N SER C 104 14.19 24.53 -1.72
CA SER C 104 15.06 25.60 -1.24
C SER C 104 16.48 25.53 -1.84
N LEU C 105 16.78 24.45 -2.55
CA LEU C 105 18.12 24.25 -3.11
C LEU C 105 18.32 24.90 -4.48
N ASP C 106 19.59 25.03 -4.90
CA ASP C 106 19.93 25.45 -6.24
C ASP C 106 20.21 24.18 -7.04
N ALA C 107 19.30 23.83 -7.94
CA ALA C 107 19.44 22.57 -8.66
C ALA C 107 20.71 22.48 -9.50
N GLN C 108 21.17 23.59 -10.07
CA GLN C 108 22.38 23.53 -10.85
C GLN C 108 23.59 23.26 -9.98
N ALA C 109 23.61 23.88 -8.80
CA ALA C 109 24.62 23.59 -7.77
C ALA C 109 24.59 22.11 -7.36
N VAL C 110 23.37 21.57 -7.19
CA VAL C 110 23.20 20.16 -6.82
C VAL C 110 23.73 19.22 -7.91
N LEU C 111 23.46 19.54 -9.17
CA LEU C 111 23.82 18.65 -10.27
C LEU C 111 25.24 18.87 -10.86
N ARG C 112 25.89 19.96 -10.40
CA ARG C 112 27.22 20.40 -10.89
C ARG C 112 28.26 19.30 -10.88
N GLY C 113 28.88 19.09 -12.04
CA GLY C 113 30.04 18.18 -12.13
C GLY C 113 29.74 16.75 -11.71
N LEU C 114 28.48 16.32 -11.91
CA LEU C 114 28.11 14.92 -11.73
C LEU C 114 28.54 14.08 -12.92
N PRO C 115 28.81 12.78 -12.69
CA PRO C 115 29.02 11.89 -13.85
C PRO C 115 27.75 11.76 -14.67
N ALA C 116 27.91 11.43 -15.95
CA ALA C 116 26.82 11.49 -16.93
C ALA C 116 25.64 10.52 -16.63
N ASN C 117 25.91 9.44 -15.91
CA ASN C 117 24.87 8.48 -15.54
C ASN C 117 23.93 8.96 -14.44
N LEU C 118 24.30 10.03 -13.76
CA LEU C 118 23.52 10.57 -12.65
C LEU C 118 22.52 11.69 -13.02
N TYR C 119 22.62 12.25 -14.22
CA TYR C 119 21.74 13.35 -14.65
C TYR C 119 21.77 13.64 -16.13
N ASP C 120 20.76 14.40 -16.57
CA ASP C 120 20.62 14.84 -17.93
C ASP C 120 20.99 16.33 -17.92
N SER C 121 21.91 16.71 -18.81
N SER C 121 21.90 16.71 -18.82
CA SER C 121 22.40 18.08 -18.89
CA SER C 121 22.39 18.10 -18.91
C SER C 121 21.33 19.09 -19.35
C SER C 121 21.34 19.10 -19.38
N ARG C 122 20.30 18.62 -20.06
CA ARG C 122 19.28 19.53 -20.62
C ARG C 122 18.39 20.06 -19.48
N PRO C 123 18.35 21.40 -19.31
CA PRO C 123 17.58 21.92 -18.17
C PRO C 123 16.07 21.87 -18.45
N LEU C 124 15.25 21.85 -17.41
CA LEU C 124 13.80 21.91 -17.63
C LEU C 124 13.43 23.28 -18.21
N GLY C 125 12.29 23.35 -18.88
CA GLY C 125 11.71 24.67 -19.22
C GLY C 125 11.29 25.51 -18.01
N SER D 1 9.64 22.85 -12.70
CA SER D 1 9.05 24.17 -12.30
C SER D 1 9.58 24.66 -10.96
N ASN D 2 10.46 23.87 -10.35
CA ASN D 2 11.17 24.24 -9.12
C ASN D 2 12.43 23.37 -9.02
N ALA D 3 13.25 23.62 -7.99
CA ALA D 3 14.53 22.89 -7.86
C ALA D 3 14.32 21.38 -7.71
N GLU D 6 13.55 19.94 -11.11
CA GLU D 6 14.78 19.99 -11.88
C GLU D 6 15.69 18.79 -11.54
N ILE D 7 15.90 18.58 -10.24
CA ILE D 7 16.78 17.52 -9.73
C ILE D 7 16.24 16.14 -10.10
N PHE D 8 14.94 15.91 -9.88
CA PHE D 8 14.42 14.54 -10.05
C PHE D 8 14.10 14.20 -11.52
N ILE D 9 13.54 15.17 -12.23
CA ILE D 9 13.13 14.93 -13.62
C ILE D 9 14.36 14.73 -14.54
N ARG D 10 15.44 15.47 -14.25
CA ARG D 10 16.66 15.37 -15.01
C ARG D 10 17.57 14.18 -14.59
N ALA D 11 16.98 13.01 -14.38
CA ALA D 11 17.74 11.76 -14.39
C ALA D 11 18.29 11.53 -15.80
N ASN D 12 19.42 10.84 -15.90
CA ASN D 12 19.86 10.32 -17.19
C ASN D 12 18.77 9.31 -17.63
N GLN D 13 18.25 9.45 -18.85
CA GLN D 13 17.13 8.60 -19.24
C GLN D 13 17.47 7.10 -19.18
N ARG D 14 18.68 6.74 -19.61
CA ARG D 14 19.18 5.36 -19.58
C ARG D 14 19.27 4.77 -18.17
N SER D 15 19.44 5.64 -17.16
CA SER D 15 19.63 5.21 -15.77
C SER D 15 18.43 4.42 -15.21
N TYR D 16 17.24 4.70 -15.75
CA TYR D 16 16.04 3.97 -15.35
C TYR D 16 15.45 3.08 -16.42
N SER D 17 16.19 2.86 -17.50
CA SER D 17 15.84 1.80 -18.44
C SER D 17 16.31 0.45 -17.86
N VAL D 18 15.54 -0.60 -18.07
CA VAL D 18 15.83 -1.91 -17.47
C VAL D 18 16.75 -2.71 -18.37
N GLN D 19 17.85 -3.20 -17.77
CA GLN D 19 18.82 -4.02 -18.48
C GLN D 19 18.89 -5.42 -17.87
N ALA D 20 19.02 -6.41 -18.74
CA ALA D 20 19.06 -7.79 -18.30
C ALA D 20 20.51 -8.29 -18.23
N ARG D 21 20.85 -9.02 -17.19
CA ARG D 21 22.12 -9.74 -17.12
C ARG D 21 21.88 -11.16 -16.63
N SER D 22 22.65 -12.12 -17.15
N SER D 22 22.66 -12.11 -17.15
CA SER D 22 22.46 -13.51 -16.76
CA SER D 22 22.49 -13.50 -16.77
C SER D 22 23.38 -13.88 -15.60
C SER D 22 23.38 -13.88 -15.59
N LEU D 23 22.78 -14.40 -14.54
CA LEU D 23 23.50 -14.79 -13.34
C LEU D 23 23.23 -16.25 -13.01
N ARG D 24 24.20 -16.93 -12.42
CA ARG D 24 24.00 -18.31 -12.04
C ARG D 24 23.61 -18.38 -10.57
N LEU D 25 22.34 -18.64 -10.30
CA LEU D 25 21.79 -18.63 -8.95
C LEU D 25 21.52 -20.06 -8.51
N HIS D 26 22.22 -20.51 -7.47
CA HIS D 26 22.31 -21.93 -7.11
C HIS D 26 22.28 -22.84 -8.35
N GLY D 27 23.19 -22.57 -9.28
CA GLY D 27 23.39 -23.47 -10.42
C GLY D 27 22.50 -23.19 -11.62
N VAL D 28 21.56 -22.25 -11.48
CA VAL D 28 20.56 -21.99 -12.52
C VAL D 28 20.80 -20.61 -13.15
N ALA D 29 21.13 -20.61 -14.45
CA ALA D 29 21.33 -19.36 -15.19
C ALA D 29 20.00 -18.61 -15.24
N THR D 30 20.01 -17.37 -14.74
CA THR D 30 18.81 -16.59 -14.51
C THR D 30 19.03 -15.16 -15.00
N SER D 31 18.10 -14.67 -15.81
CA SER D 31 18.17 -13.28 -16.25
C SER D 31 17.68 -12.35 -15.13
N VAL D 32 18.57 -11.49 -14.63
CA VAL D 32 18.21 -10.49 -13.63
C VAL D 32 18.03 -9.14 -14.32
N ARG D 33 16.86 -8.55 -14.16
CA ARG D 33 16.49 -7.36 -14.91
C ARG D 33 16.41 -6.20 -13.95
N LEU D 34 17.35 -5.28 -14.09
CA LEU D 34 17.42 -4.11 -13.22
C LEU D 34 17.58 -2.84 -14.00
N GLU D 35 17.01 -1.76 -13.47
CA GLU D 35 17.29 -0.41 -13.97
C GLU D 35 18.82 -0.17 -13.97
N GLN D 36 19.33 0.46 -15.03
CA GLN D 36 20.78 0.66 -15.17
C GLN D 36 21.51 1.21 -13.94
N LEU D 37 20.92 2.21 -13.25
CA LEU D 37 21.61 2.82 -12.14
C LEU D 37 21.86 1.80 -11.00
N PHE D 38 20.96 0.83 -10.85
CA PHE D 38 21.16 -0.30 -9.92
C PHE D 38 22.38 -1.14 -10.30
N TRP D 39 22.53 -1.46 -11.58
CA TRP D 39 23.75 -2.12 -12.03
C TRP D 39 25.01 -1.31 -11.72
N ASP D 40 24.95 0.00 -11.97
CA ASP D 40 26.08 0.89 -11.71
C ASP D 40 26.45 0.84 -10.22
N VAL D 41 25.45 0.92 -9.34
CA VAL D 41 25.70 0.87 -7.89
C VAL D 41 26.22 -0.50 -7.41
N LEU D 42 25.66 -1.58 -7.93
CA LEU D 42 26.15 -2.94 -7.62
C LEU D 42 27.60 -3.12 -8.08
N GLU D 43 27.93 -2.57 -9.25
CA GLU D 43 29.32 -2.61 -9.74
C GLU D 43 30.26 -1.83 -8.83
N GLU D 44 29.79 -0.70 -8.31
CA GLU D 44 30.58 0.09 -7.34
C GLU D 44 30.80 -0.70 -6.03
N ILE D 45 29.74 -1.32 -5.54
CA ILE D 45 29.82 -2.10 -4.29
C ILE D 45 30.82 -3.26 -4.46
N ALA D 46 30.68 -4.00 -5.57
CA ALA D 46 31.55 -5.14 -5.87
C ALA D 46 33.01 -4.69 -5.95
N ALA D 47 33.26 -3.64 -6.74
CA ALA D 47 34.61 -3.09 -6.93
C ALA D 47 35.25 -2.64 -5.61
N ARG D 48 34.43 -2.11 -4.73
CA ARG D 48 34.90 -1.66 -3.44
C ARG D 48 35.54 -2.80 -2.66
N ASP D 49 35.01 -4.01 -2.78
CA ASP D 49 35.61 -5.14 -2.07
C ASP D 49 36.28 -6.15 -2.97
N GLY D 50 36.75 -5.69 -4.13
CA GLY D 50 37.56 -6.50 -5.02
C GLY D 50 36.87 -7.71 -5.62
N ARG D 52 34.04 -9.22 -8.70
CA ARG D 52 33.21 -9.00 -9.88
C ARG D 52 31.75 -9.00 -9.45
N VAL D 53 30.96 -8.20 -10.11
CA VAL D 53 29.56 -8.06 -9.76
C VAL D 53 28.80 -9.40 -9.82
N THR D 54 29.14 -10.27 -10.77
CA THR D 54 28.47 -11.55 -10.85
C THR D 54 28.70 -12.37 -9.58
N GLN D 55 29.95 -12.41 -9.11
CA GLN D 55 30.28 -13.13 -7.89
C GLN D 55 29.63 -12.52 -6.66
N LEU D 56 29.58 -11.18 -6.60
CA LEU D 56 28.87 -10.51 -5.49
C LEU D 56 27.42 -10.97 -5.41
N ILE D 57 26.74 -10.95 -6.54
CA ILE D 57 25.31 -11.30 -6.58
C ILE D 57 25.10 -12.76 -6.24
N GLU D 58 25.94 -13.65 -6.78
CA GLU D 58 25.80 -15.10 -6.54
C GLU D 58 26.03 -15.43 -5.08
N ARG D 59 26.97 -14.73 -4.46
CA ARG D 59 27.22 -14.84 -3.02
C ARG D 59 26.06 -14.33 -2.15
N LEU D 60 25.50 -13.18 -2.54
CA LEU D 60 24.31 -12.62 -1.88
C LEU D 60 23.15 -13.60 -1.96
N TYR D 61 22.93 -14.20 -3.12
CA TYR D 61 21.87 -15.21 -3.28
C TYR D 61 22.05 -16.36 -2.28
N ASP D 62 23.25 -16.94 -2.26
CA ASP D 62 23.57 -18.05 -1.37
C ASP D 62 23.35 -17.69 0.09
N GLU D 63 23.81 -16.50 0.51
CA GLU D 63 23.66 -16.07 1.92
C GLU D 63 22.21 -15.75 2.29
N LEU D 64 21.45 -15.21 1.33
CA LEU D 64 20.06 -14.91 1.58
C LEU D 64 19.26 -16.20 1.83
N VAL D 65 19.53 -17.23 1.05
CA VAL D 65 18.89 -18.54 1.23
C VAL D 65 19.19 -19.14 2.60
N GLN D 66 20.42 -18.99 3.06
CA GLN D 66 20.80 -19.52 4.37
C GLN D 66 20.08 -18.78 5.49
N TYR D 67 19.91 -17.48 5.30
CA TYR D 67 19.34 -16.60 6.33
C TYR D 67 17.82 -16.71 6.39
N ARG D 68 17.18 -16.73 5.23
CA ARG D 68 15.72 -16.72 5.14
C ARG D 68 15.12 -18.09 4.81
N GLY D 69 15.96 -19.03 4.42
CA GLY D 69 15.51 -20.39 4.06
C GLY D 69 15.28 -20.50 2.57
N GLU D 70 15.12 -19.35 1.91
CA GLU D 70 14.95 -19.24 0.45
C GLU D 70 15.27 -17.81 0.04
N ALA D 71 15.23 -17.53 -1.26
CA ALA D 71 15.53 -16.17 -1.73
C ALA D 71 14.40 -15.65 -2.62
N ALA D 72 13.24 -15.46 -2.00
CA ALA D 72 12.07 -14.85 -2.64
C ALA D 72 12.38 -13.38 -2.95
N ASN D 73 11.73 -12.84 -3.99
CA ASN D 73 11.85 -11.42 -4.32
C ASN D 73 13.30 -10.98 -4.53
N PHE D 74 14.11 -11.82 -5.18
CA PHE D 74 15.54 -11.54 -5.22
C PHE D 74 15.93 -10.28 -6.00
N THR D 75 15.22 -10.00 -7.09
CA THR D 75 15.51 -8.80 -7.87
C THR D 75 15.22 -7.56 -7.02
N SER D 76 14.08 -7.57 -6.35
CA SER D 76 13.72 -6.48 -5.44
C SER D 76 14.75 -6.34 -4.31
N PHE D 77 15.24 -7.48 -3.81
CA PHE D 77 16.29 -7.48 -2.78
C PHE D 77 17.53 -6.72 -3.26
N LEU D 78 17.97 -6.99 -4.49
CA LEU D 78 19.11 -6.27 -5.07
C LEU D 78 18.89 -4.76 -5.17
N ARG D 79 17.67 -4.33 -5.53
CA ARG D 79 17.31 -2.91 -5.55
C ARG D 79 17.47 -2.29 -4.15
N VAL D 80 16.94 -2.99 -3.15
CA VAL D 80 17.05 -2.53 -1.78
C VAL D 80 18.51 -2.58 -1.28
N CYS D 81 19.32 -3.51 -1.77
CA CYS D 81 20.76 -3.46 -1.45
C CYS D 81 21.34 -2.11 -1.90
N CYS D 82 20.96 -1.66 -3.10
CA CYS D 82 21.55 -0.45 -3.67
C CYS D 82 21.08 0.76 -2.91
N LEU D 83 19.79 0.78 -2.59
CA LEU D 83 19.21 1.87 -1.85
C LEU D 83 19.79 1.95 -0.43
N ARG D 84 19.85 0.80 0.25
CA ARG D 84 20.41 0.74 1.60
C ARG D 84 21.87 1.15 1.66
N TYR D 85 22.68 0.73 0.70
CA TYR D 85 24.06 1.18 0.59
C TYR D 85 24.19 2.71 0.59
N GLN D 86 23.36 3.37 -0.20
CA GLN D 86 23.38 4.83 -0.32
C GLN D 86 22.84 5.52 0.94
N VAL D 87 21.76 4.97 1.52
CA VAL D 87 21.26 5.45 2.81
C VAL D 87 22.36 5.42 3.87
N LEU D 88 23.06 4.29 3.97
CA LEU D 88 24.06 4.11 5.02
C LEU D 88 25.22 5.09 4.82
N GLN D 89 25.62 5.28 3.57
CA GLN D 89 26.58 6.33 3.23
C GLN D 89 26.06 7.74 3.60
N ALA D 90 24.82 8.06 3.24
CA ALA D 90 24.22 9.37 3.59
C ALA D 90 24.16 9.61 5.10
N GLU D 91 23.93 8.55 5.88
N GLU D 91 23.92 8.53 5.85
CA GLU D 91 23.92 8.67 7.33
CA GLU D 91 23.89 8.57 7.31
C GLU D 91 25.31 8.65 7.96
C GLU D 91 25.28 8.40 7.96
N GLY D 92 26.34 8.42 7.15
CA GLY D 92 27.71 8.31 7.64
C GLY D 92 28.06 6.99 8.32
N ARG D 93 27.26 5.93 8.08
CA ARG D 93 27.54 4.63 8.73
C ARG D 93 28.50 3.78 7.88
N ILE D 94 28.43 3.95 6.57
CA ILE D 94 29.45 3.43 5.66
C ILE D 94 30.25 4.63 5.13
N PRO D 95 31.59 4.58 5.25
CA PRO D 95 32.43 5.68 4.76
C PRO D 95 32.23 5.94 3.26
N ALA D 96 32.17 7.21 2.88
CA ALA D 96 32.01 7.54 1.46
C ALA D 96 33.29 7.21 0.69
N ASP D 97 34.43 7.23 1.39
CA ASP D 97 35.72 6.89 0.76
C ASP D 97 35.76 5.40 0.43
N ALA D 98 35.71 5.08 -0.86
CA ALA D 98 35.68 3.69 -1.30
C ALA D 98 37.02 2.94 -1.10
N THR D 99 38.07 3.64 -0.63
CA THR D 99 39.31 2.90 -0.29
C THR D 99 39.10 2.03 0.95
N VAL D 100 37.98 2.24 1.65
CA VAL D 100 37.61 1.43 2.81
C VAL D 100 36.67 0.32 2.33
N PRO D 101 37.15 -0.94 2.30
CA PRO D 101 36.26 -2.05 1.92
C PRO D 101 35.13 -2.24 2.90
N ILE D 102 33.96 -2.63 2.39
CA ILE D 102 32.82 -2.90 3.26
C ILE D 102 33.11 -4.04 4.25
N ARG D 103 33.87 -5.02 3.77
CA ARG D 103 34.26 -6.16 4.61
C ARG D 103 35.19 -5.78 5.76
N SER D 104 35.80 -4.59 5.70
CA SER D 104 36.64 -4.14 6.80
C SER D 104 35.85 -3.43 7.90
N LEU D 105 34.57 -3.17 7.66
CA LEU D 105 33.72 -2.47 8.63
C LEU D 105 33.17 -3.40 9.71
N ASP D 106 32.76 -2.80 10.81
CA ASP D 106 32.12 -3.50 11.89
C ASP D 106 30.62 -3.41 11.62
N ALA D 107 30.02 -4.53 11.22
CA ALA D 107 28.61 -4.52 10.82
C ALA D 107 27.63 -4.07 11.92
N GLN D 108 27.86 -4.49 13.16
N GLN D 108 27.89 -4.50 13.16
CA GLN D 108 26.97 -4.05 14.24
CA GLN D 108 27.08 -4.08 14.29
C GLN D 108 27.08 -2.55 14.56
C GLN D 108 27.07 -2.56 14.43
N ALA D 109 28.24 -1.95 14.29
CA ALA D 109 28.35 -0.48 14.40
C ALA D 109 27.66 0.21 13.23
N VAL D 110 27.73 -0.40 12.06
CA VAL D 110 27.11 0.18 10.85
C VAL D 110 25.59 0.19 11.01
N LEU D 111 25.04 -0.88 11.58
CA LEU D 111 23.59 -1.05 11.64
C LEU D 111 22.94 -0.56 12.92
N ARG D 112 23.70 -0.53 14.03
CA ARG D 112 23.07 -0.26 15.33
C ARG D 112 22.33 1.07 15.39
N GLY D 113 21.15 1.03 16.01
CA GLY D 113 20.36 2.25 16.18
C GLY D 113 19.54 2.69 14.98
N LEU D 114 19.65 1.95 13.87
CA LEU D 114 18.82 2.25 12.68
C LEU D 114 17.32 1.96 12.96
N PRO D 115 16.42 2.68 12.26
CA PRO D 115 15.01 2.30 12.33
C PRO D 115 14.77 0.91 11.76
N ALA D 116 13.69 0.29 12.21
CA ALA D 116 13.45 -1.13 11.95
C ALA D 116 13.13 -1.48 10.48
N ASN D 117 12.80 -0.48 9.65
CA ASN D 117 12.61 -0.70 8.22
C ASN D 117 13.93 -0.77 7.45
N LEU D 118 15.03 -0.42 8.12
CA LEU D 118 16.37 -0.37 7.47
C LEU D 118 17.25 -1.58 7.77
N TYR D 119 16.84 -2.43 8.71
CA TYR D 119 17.58 -3.67 8.94
C TYR D 119 16.82 -4.65 9.80
N ASP D 120 17.28 -5.90 9.78
CA ASP D 120 16.75 -6.97 10.59
C ASP D 120 17.78 -7.20 11.73
N SER D 121 17.31 -7.17 12.98
CA SER D 121 18.21 -7.27 14.13
C SER D 121 18.79 -8.67 14.33
N ARG D 122 18.20 -9.69 13.70
CA ARG D 122 18.73 -11.06 13.83
C ARG D 122 20.05 -11.19 13.06
N PRO D 123 21.14 -11.57 13.77
CA PRO D 123 22.42 -11.60 13.05
C PRO D 123 22.55 -12.83 12.13
N LEU D 124 23.46 -12.76 11.18
CA LEU D 124 23.76 -13.90 10.33
C LEU D 124 24.40 -15.03 11.13
N GLY D 125 24.23 -16.25 10.67
CA GLY D 125 24.98 -17.37 11.26
C GLY D 125 26.48 -17.27 10.98
#